data_7DS4
#
_entry.id   7DS4
#
_cell.length_a   52.450
_cell.length_b   66.720
_cell.length_c   164.420
_cell.angle_alpha   90.000
_cell.angle_beta   90.000
_cell.angle_gamma   90.000
#
_symmetry.space_group_name_H-M   'P 21 21 21'
#
loop_
_entity.id
_entity.type
_entity.pdbx_description
1 polymer 'F-actin-capping protein subunit alpha-1'
2 polymer 'F-actin-capping protein subunit beta isoforms 1'
3 polymer Twinfilin-1
4 water water
#
loop_
_entity_poly.entity_id
_entity_poly.type
_entity_poly.pdbx_seq_one_letter_code
_entity_poly.pdbx_strand_id
1 'polypeptide(L)'
;MADFEDRVSDEEKVRIAAKFITHAPPGEFNEVFNDVRLLLNNDNLLREGAAHAFAQYNMDQFTPVKIEGYDDQVLITEHG
DLGNGRFLDPRNKISFKFDHLRKEASDPQPEDTESALKQWRDACDSALRAYVKDHYPNGFCTVYGKSIDGQQTIIACIES
HQFQPKNFWNGRWRSEWKFTITPPTAQVAAVLKIQVHYYEDGNVQLVSHKDIQDSVQVSSDVQTAKEFIKIIENAENEYQ
TAISENYQTMSDTTFKALRRQLPVTRTKIDWNKILSYKIGKEMQNA
;
A
2 'polypeptide(L)'
;MSDQQLDCALDLMRRLPPQQIEKNLSDLIDLVPSLCEDLLSSVDQPLKIARDKVVGKDYLLCDYNRDGDSYRSPWSNKYD
PPLEDGAMPSARLRKLEVEANNAFDQYRDLYFEGGVSSVYLWDLDHGFAGVILIKKAGDGSKKIKGCWDSIHVVEVQEKS
SGRTAHYKLTSTVMLWLQTNKTGSGTMNLGGSLTRQMEKDETVSDSSPHIANIGRLVEDMENKIRSTLNEIYFGKTKDIV
NGLR
;
B
3 'polypeptide(L)' KQHAHKQSKAKPKGPAGKRGIRRLIRGPAE C
#
# COMPACT_ATOMS: atom_id res chain seq x y z
N ARG A 7 -16.28 -2.73 -25.68
CA ARG A 7 -17.19 -2.13 -24.71
C ARG A 7 -17.32 -3.00 -23.48
N VAL A 8 -16.90 -2.49 -22.32
CA VAL A 8 -16.96 -3.27 -21.09
C VAL A 8 -18.41 -3.38 -20.64
N SER A 9 -18.82 -4.59 -20.26
CA SER A 9 -20.19 -4.80 -19.83
C SER A 9 -20.52 -3.95 -18.61
N ASP A 10 -21.77 -3.50 -18.53
CA ASP A 10 -22.19 -2.72 -17.38
C ASP A 10 -21.97 -3.48 -16.09
N GLU A 11 -22.18 -4.79 -16.12
CA GLU A 11 -21.96 -5.64 -14.94
CA GLU A 11 -21.97 -5.62 -14.93
C GLU A 11 -20.51 -5.58 -14.48
N GLU A 12 -19.58 -5.65 -15.43
CA GLU A 12 -18.16 -5.62 -15.09
C GLU A 12 -17.67 -4.23 -14.73
N LYS A 13 -18.23 -3.19 -15.36
CA LYS A 13 -17.95 -1.83 -14.92
C LYS A 13 -18.27 -1.66 -13.43
N VAL A 14 -19.45 -2.13 -13.02
CA VAL A 14 -19.89 -2.00 -11.64
C VAL A 14 -19.03 -2.85 -10.73
N ARG A 15 -18.73 -4.09 -11.13
CA ARG A 15 -17.92 -4.95 -10.26
C ARG A 15 -16.55 -4.35 -10.00
N ILE A 16 -15.88 -3.86 -11.06
CA ILE A 16 -14.56 -3.31 -10.89
C ILE A 16 -14.62 -1.98 -10.14
N ALA A 17 -15.64 -1.17 -10.41
CA ALA A 17 -15.79 0.06 -9.63
C ALA A 17 -15.92 -0.25 -8.13
N ALA A 18 -16.65 -1.32 -7.80
CA ALA A 18 -16.84 -1.66 -6.40
C ALA A 18 -15.55 -2.12 -5.73
N LYS A 19 -14.67 -2.83 -6.44
CA LYS A 19 -13.40 -3.22 -5.85
C LYS A 19 -12.58 -2.00 -5.49
N PHE A 20 -12.57 -0.99 -6.38
CA PHE A 20 -11.78 0.20 -6.12
C PHE A 20 -12.37 0.99 -4.96
N ILE A 21 -13.69 1.16 -4.96
CA ILE A 21 -14.35 1.95 -3.91
C ILE A 21 -14.08 1.32 -2.55
N THR A 22 -14.24 0.00 -2.45
CA THR A 22 -14.06 -0.64 -1.16
C THR A 22 -12.61 -0.65 -0.70
N HIS A 23 -11.65 -0.25 -1.54
CA HIS A 23 -10.26 -0.16 -1.13
C HIS A 23 -9.73 1.28 -1.01
N ALA A 24 -10.61 2.27 -1.06
CA ALA A 24 -10.18 3.64 -0.84
C ALA A 24 -9.53 3.79 0.54
N PRO A 25 -8.36 4.43 0.64
CA PRO A 25 -7.78 4.67 1.97
C PRO A 25 -8.68 5.56 2.79
N PRO A 26 -8.54 5.56 4.11
CA PRO A 26 -9.42 6.41 4.93
C PRO A 26 -9.19 7.87 4.59
N GLY A 27 -10.29 8.63 4.55
CA GLY A 27 -10.18 10.02 4.20
C GLY A 27 -10.02 10.29 2.73
N GLU A 28 -10.07 9.27 1.88
CA GLU A 28 -9.86 9.52 0.46
C GLU A 28 -10.99 8.95 -0.39
N PHE A 29 -12.15 8.67 0.22
CA PHE A 29 -13.28 8.12 -0.53
C PHE A 29 -13.69 9.03 -1.68
N ASN A 30 -13.79 10.34 -1.44
CA ASN A 30 -14.29 11.23 -2.49
C ASN A 30 -13.37 11.23 -3.71
N GLU A 31 -12.06 11.27 -3.48
CA GLU A 31 -11.12 11.26 -4.59
C GLU A 31 -11.19 9.96 -5.37
N VAL A 32 -11.27 8.81 -4.68
CA VAL A 32 -11.39 7.53 -5.36
C VAL A 32 -12.71 7.43 -6.10
N PHE A 33 -13.81 7.83 -5.47
CA PHE A 33 -15.10 7.85 -6.15
C PHE A 33 -15.07 8.71 -7.40
N ASN A 34 -14.45 9.90 -7.31
CA ASN A 34 -14.43 10.77 -8.47
C ASN A 34 -13.59 10.18 -9.61
N ASP A 35 -12.46 9.54 -9.28
CA ASP A 35 -11.69 8.83 -10.30
C ASP A 35 -12.54 7.77 -10.98
N VAL A 36 -13.21 6.95 -10.17
CA VAL A 36 -14.01 5.85 -10.69
C VAL A 36 -15.17 6.39 -11.51
N ARG A 37 -15.76 7.49 -11.06
CA ARG A 37 -16.87 8.07 -11.81
C ARG A 37 -16.44 8.50 -13.20
N LEU A 38 -15.28 9.15 -13.30
CA LEU A 38 -14.81 9.60 -14.62
C LEU A 38 -14.38 8.42 -15.48
N LEU A 39 -13.90 7.34 -14.87
CA LEU A 39 -13.49 6.16 -15.63
C LEU A 39 -14.71 5.42 -16.18
N LEU A 40 -15.79 5.30 -15.41
CA LEU A 40 -16.97 4.59 -15.90
C LEU A 40 -17.70 5.43 -16.95
N ASN A 41 -17.76 6.74 -16.73
CA ASN A 41 -18.52 7.64 -17.61
C ASN A 41 -19.96 7.16 -17.77
N ASN A 42 -20.60 6.90 -16.65
CA ASN A 42 -21.99 6.48 -16.63
C ASN A 42 -22.48 6.65 -15.19
N ASP A 43 -22.85 7.90 -14.85
CA ASP A 43 -23.05 8.25 -13.44
C ASP A 43 -24.20 7.48 -12.81
N ASN A 44 -25.28 7.25 -13.56
CA ASN A 44 -26.39 6.52 -12.98
C ASN A 44 -26.03 5.06 -12.76
N LEU A 45 -25.24 4.48 -13.67
CA LEU A 45 -24.78 3.12 -13.43
C LEU A 45 -23.95 3.03 -12.16
N LEU A 46 -23.05 3.98 -11.93
CA LEU A 46 -22.19 3.93 -10.75
C LEU A 46 -23.00 4.13 -9.47
N ARG A 47 -23.89 5.13 -9.43
CA ARG A 47 -24.62 5.44 -8.20
CA ARG A 47 -24.62 5.44 -8.20
C ARG A 47 -25.57 4.31 -7.81
N GLU A 48 -26.19 3.68 -8.80
CA GLU A 48 -27.16 2.64 -8.50
C GLU A 48 -26.54 1.25 -8.41
N GLY A 49 -25.66 0.90 -9.37
CA GLY A 49 -25.09 -0.43 -9.39
C GLY A 49 -24.10 -0.69 -8.27
N ALA A 50 -23.35 0.33 -7.86
CA ALA A 50 -22.34 0.20 -6.81
C ALA A 50 -22.84 0.65 -5.45
N ALA A 51 -24.15 0.74 -5.26
CA ALA A 51 -24.68 1.19 -3.97
C ALA A 51 -24.21 0.29 -2.83
N HIS A 52 -24.20 -1.03 -3.06
CA HIS A 52 -23.71 -1.95 -2.04
C HIS A 52 -22.28 -1.62 -1.62
N ALA A 53 -21.46 -1.14 -2.55
CA ALA A 53 -20.06 -0.87 -2.23
C ALA A 53 -19.91 0.32 -1.30
N PHE A 54 -20.69 1.38 -1.55
CA PHE A 54 -20.58 2.56 -0.70
C PHE A 54 -20.93 2.22 0.73
N ALA A 55 -21.97 1.40 0.91
CA ALA A 55 -22.41 0.97 2.22
C ALA A 55 -21.38 0.05 2.85
N GLN A 56 -20.89 -0.92 2.06
CA GLN A 56 -19.83 -1.80 2.53
C GLN A 56 -18.64 -0.99 3.04
N TYR A 57 -18.29 0.07 2.33
CA TYR A 57 -17.14 0.88 2.72
C TYR A 57 -17.38 1.55 4.07
N ASN A 58 -18.53 2.21 4.22
CA ASN A 58 -18.79 2.95 5.46
C ASN A 58 -18.87 2.00 6.65
N MET A 59 -19.44 0.81 6.48
CA MET A 59 -19.55 -0.12 7.61
C MET A 59 -18.20 -0.73 7.97
N ASP A 60 -17.35 -0.97 6.96
CA ASP A 60 -16.02 -1.51 7.21
C ASP A 60 -15.13 -0.47 7.87
N GLN A 61 -15.35 0.81 7.57
CA GLN A 61 -14.55 1.92 8.07
C GLN A 61 -15.05 2.49 9.40
N PHE A 62 -16.19 2.01 9.90
CA PHE A 62 -16.82 2.58 11.10
C PHE A 62 -16.99 4.09 10.97
N THR A 63 -17.46 4.54 9.80
CA THR A 63 -17.63 5.96 9.51
C THR A 63 -18.51 6.63 10.57
N PRO A 64 -18.00 7.64 11.27
CA PRO A 64 -18.82 8.34 12.26
C PRO A 64 -19.72 9.36 11.60
N VAL A 65 -20.92 9.53 12.17
CA VAL A 65 -21.87 10.49 11.63
C VAL A 65 -22.58 11.24 12.76
N LYS A 66 -22.77 12.54 12.55
CA LYS A 66 -23.52 13.38 13.49
C LYS A 66 -24.99 13.39 13.12
N ILE A 67 -25.85 13.16 14.13
CA ILE A 67 -27.28 13.30 13.97
C ILE A 67 -27.70 14.63 14.57
N GLU A 68 -28.48 15.40 13.80
CA GLU A 68 -28.99 16.67 14.28
CA GLU A 68 -29.01 16.67 14.27
C GLU A 68 -29.77 16.48 15.57
N GLY A 69 -29.48 17.31 16.56
CA GLY A 69 -30.14 17.22 17.84
C GLY A 69 -29.55 16.24 18.83
N TYR A 70 -28.39 15.66 18.53
CA TYR A 70 -27.73 14.74 19.45
C TYR A 70 -26.25 15.05 19.47
N ASP A 71 -25.66 15.07 20.67
CA ASP A 71 -24.31 15.58 20.84
C ASP A 71 -23.26 14.67 20.25
N ASP A 72 -23.29 13.38 20.60
CA ASP A 72 -22.21 12.48 20.22
C ASP A 72 -22.55 11.70 18.95
N GLN A 73 -21.56 11.59 18.08
CA GLN A 73 -21.73 10.91 16.80
C GLN A 73 -21.87 9.40 17.00
N VAL A 74 -22.49 8.75 16.02
CA VAL A 74 -22.68 7.31 16.06
C VAL A 74 -21.87 6.69 14.93
N LEU A 75 -21.46 5.44 15.12
CA LEU A 75 -20.67 4.73 14.13
C LEU A 75 -21.59 3.96 13.18
N ILE A 76 -21.30 4.04 11.90
CA ILE A 76 -21.95 3.20 10.89
C ILE A 76 -21.22 1.86 10.88
N THR A 77 -21.90 0.77 11.25
CA THR A 77 -21.32 -0.57 11.33
C THR A 77 -22.35 -1.60 10.88
N GLU A 78 -21.86 -2.81 10.61
CA GLU A 78 -22.76 -3.91 10.24
C GLU A 78 -23.73 -4.22 11.38
N HIS A 79 -23.29 -4.03 12.63
CA HIS A 79 -24.15 -4.30 13.77
C HIS A 79 -25.30 -3.32 13.91
N GLY A 80 -25.17 -2.11 13.38
CA GLY A 80 -26.27 -1.17 13.42
C GLY A 80 -27.13 -1.17 12.19
N ASP A 81 -26.85 -2.04 11.23
CA ASP A 81 -27.55 -2.07 9.94
C ASP A 81 -28.92 -2.69 10.13
N LEU A 82 -29.96 -1.85 10.04
CA LEU A 82 -31.34 -2.30 10.15
C LEU A 82 -31.91 -2.72 8.79
N GLY A 83 -32.02 -1.77 7.90
CA GLY A 83 -32.44 -2.01 6.53
C GLY A 83 -33.01 -0.73 5.95
N ASN A 84 -33.40 -0.80 4.68
CA ASN A 84 -33.98 0.35 3.99
C ASN A 84 -33.10 1.60 4.17
N GLY A 85 -31.79 1.39 4.16
CA GLY A 85 -30.85 2.48 4.38
C GLY A 85 -31.01 3.18 5.71
N ARG A 86 -31.36 2.45 6.76
CA ARG A 86 -31.50 2.99 8.10
C ARG A 86 -30.53 2.31 9.05
N PHE A 87 -30.05 3.06 10.03
CA PHE A 87 -29.09 2.57 11.00
C PHE A 87 -29.54 2.95 12.41
N LEU A 88 -29.14 2.12 13.36
CA LEU A 88 -29.53 2.26 14.76
C LEU A 88 -28.49 3.08 15.52
N ASP A 89 -28.96 4.09 16.26
CA ASP A 89 -28.15 4.72 17.28
C ASP A 89 -28.57 4.12 18.62
N PRO A 90 -27.88 3.11 19.14
CA PRO A 90 -28.35 2.44 20.36
C PRO A 90 -28.15 3.27 21.62
N ARG A 91 -27.32 4.31 21.56
CA ARG A 91 -27.17 5.19 22.70
C ARG A 91 -28.37 6.11 22.84
N ASN A 92 -28.80 6.71 21.74
CA ASN A 92 -29.94 7.61 21.77
C ASN A 92 -31.26 6.93 21.43
N LYS A 93 -31.27 5.60 21.28
CA LYS A 93 -32.48 4.81 21.04
C LYS A 93 -33.32 5.39 19.90
N ILE A 94 -32.66 5.68 18.79
CA ILE A 94 -33.33 6.18 17.59
C ILE A 94 -32.76 5.45 16.38
N SER A 95 -33.50 5.51 15.28
CA SER A 95 -33.03 5.07 13.98
C SER A 95 -32.94 6.30 13.08
N PHE A 96 -32.14 6.19 12.02
CA PHE A 96 -31.96 7.32 11.12
C PHE A 96 -31.65 6.82 9.72
N LYS A 97 -32.14 7.55 8.72
CA LYS A 97 -31.76 7.30 7.34
C LYS A 97 -30.31 7.73 7.15
N PHE A 98 -29.58 7.00 6.30
CA PHE A 98 -28.19 7.34 6.01
C PHE A 98 -27.93 7.17 4.53
N ASP A 99 -27.53 8.25 3.87
CA ASP A 99 -27.02 8.18 2.50
C ASP A 99 -25.52 7.91 2.56
N HIS A 100 -25.10 6.80 1.94
CA HIS A 100 -23.71 6.37 2.02
C HIS A 100 -22.79 7.17 1.12
N LEU A 101 -23.33 7.80 0.07
CA LEU A 101 -22.49 8.59 -0.82
C LEU A 101 -22.12 9.92 -0.19
N ARG A 102 -23.11 10.66 0.30
CA ARG A 102 -22.84 11.96 0.90
C ARG A 102 -22.49 11.86 2.37
N LYS A 103 -22.71 10.70 3.00
CA LYS A 103 -22.36 10.48 4.40
C LYS A 103 -23.10 11.46 5.31
N GLU A 104 -24.39 11.62 5.05
CA GLU A 104 -25.26 12.49 5.82
C GLU A 104 -26.44 11.68 6.36
N ALA A 105 -26.70 11.82 7.65
CA ALA A 105 -27.85 11.20 8.31
C ALA A 105 -29.08 12.10 8.19
N SER A 106 -30.24 11.48 8.32
CA SER A 106 -31.49 12.24 8.28
C SER A 106 -32.63 11.38 8.82
N ASP A 107 -33.74 12.05 9.10
CA ASP A 107 -34.99 11.44 9.59
C ASP A 107 -34.78 10.68 10.89
N PRO A 108 -34.34 11.33 11.98
CA PRO A 108 -34.15 10.62 13.25
C PRO A 108 -35.50 10.29 13.89
N GLN A 109 -35.85 9.01 13.88
CA GLN A 109 -37.12 8.65 14.50
C GLN A 109 -36.89 7.79 15.74
N PRO A 110 -37.70 7.99 16.79
CA PRO A 110 -37.55 7.17 18.00
C PRO A 110 -37.60 5.67 17.67
N GLU A 111 -36.86 4.89 18.45
CA GLU A 111 -36.64 3.49 18.14
C GLU A 111 -36.61 2.71 19.44
N ASP A 112 -37.52 1.76 19.59
CA ASP A 112 -37.59 0.95 20.79
C ASP A 112 -36.47 -0.09 20.78
N THR A 113 -35.71 -0.13 21.87
CA THR A 113 -34.67 -1.13 22.04
C THR A 113 -34.86 -1.88 23.35
N GLU A 114 -36.11 -1.95 23.82
CA GLU A 114 -36.42 -2.58 25.10
C GLU A 114 -36.15 -4.08 25.06
N SER A 115 -34.94 -4.49 25.44
CA SER A 115 -34.53 -5.87 25.47
C SER A 115 -34.01 -6.20 26.87
N ALA A 116 -33.68 -7.49 27.06
CA ALA A 116 -33.10 -7.98 28.30
C ALA A 116 -31.61 -7.71 28.41
N LEU A 117 -31.06 -6.90 27.50
CA LEU A 117 -29.64 -6.56 27.50
C LEU A 117 -29.39 -5.07 27.59
N LYS A 118 -30.45 -4.24 27.56
CA LYS A 118 -30.27 -2.79 27.56
C LYS A 118 -29.44 -2.33 28.76
N GLN A 119 -29.65 -2.96 29.92
CA GLN A 119 -28.92 -2.54 31.11
C GLN A 119 -27.41 -2.75 30.95
N TRP A 120 -27.03 -3.88 30.37
CA TRP A 120 -25.61 -4.18 30.19
C TRP A 120 -25.00 -3.28 29.12
N ARG A 121 -25.68 -3.14 27.98
CA ARG A 121 -25.20 -2.25 26.93
C ARG A 121 -25.00 -0.83 27.45
N ASP A 122 -25.99 -0.32 28.20
CA ASP A 122 -25.90 1.05 28.71
C ASP A 122 -24.69 1.22 29.63
N ALA A 123 -24.43 0.22 30.47
CA ALA A 123 -23.31 0.33 31.40
C ALA A 123 -21.97 0.22 30.67
N CYS A 124 -21.88 -0.72 29.72
CA CYS A 124 -20.67 -0.80 28.91
C CYS A 124 -20.49 0.47 28.09
N ASP A 125 -21.60 1.02 27.56
CA ASP A 125 -21.49 2.24 26.76
C ASP A 125 -21.02 3.42 27.60
N SER A 126 -21.50 3.54 28.84
CA SER A 126 -21.06 4.63 29.69
C SER A 126 -19.57 4.51 30.00
N ALA A 127 -19.11 3.31 30.30
CA ALA A 127 -17.68 3.16 30.60
C ALA A 127 -16.84 3.42 29.35
N LEU A 128 -17.28 2.92 28.19
CA LEU A 128 -16.51 3.08 26.96
C LEU A 128 -16.37 4.55 26.57
N ARG A 129 -17.47 5.31 26.65
CA ARG A 129 -17.44 6.72 26.28
C ARG A 129 -16.37 7.48 27.02
N ALA A 130 -16.25 7.20 28.34
CA ALA A 130 -15.20 7.80 29.14
C ALA A 130 -13.83 7.34 28.65
N TYR A 131 -13.69 6.04 28.44
CA TYR A 131 -12.43 5.49 27.94
C TYR A 131 -11.97 6.22 26.69
N VAL A 132 -12.88 6.33 25.71
CA VAL A 132 -12.54 6.92 24.42
C VAL A 132 -12.17 8.39 24.57
N LYS A 133 -12.90 9.15 25.40
CA LYS A 133 -12.56 10.55 25.61
C LYS A 133 -11.19 10.72 26.28
N ASP A 134 -10.78 9.77 27.13
CA ASP A 134 -9.50 9.89 27.82
C ASP A 134 -8.32 9.47 26.96
N HIS A 135 -8.54 8.58 25.99
CA HIS A 135 -7.43 7.96 25.28
C HIS A 135 -7.31 8.38 23.82
N TYR A 136 -8.32 9.00 23.24
CA TYR A 136 -8.24 9.33 21.83
C TYR A 136 -8.37 10.83 21.64
N PRO A 137 -7.74 11.39 20.59
CA PRO A 137 -7.91 12.84 20.34
C PRO A 137 -9.33 13.19 19.91
N ASN A 138 -9.91 12.45 18.98
CA ASN A 138 -11.28 12.66 18.52
CA ASN A 138 -11.30 12.66 18.56
C ASN A 138 -11.97 11.31 18.29
N GLY A 139 -11.99 10.46 19.31
CA GLY A 139 -12.59 9.15 19.14
C GLY A 139 -14.10 9.18 19.26
N PHE A 140 -14.74 8.23 18.59
CA PHE A 140 -16.16 7.95 18.78
C PHE A 140 -16.34 6.45 19.02
N CYS A 141 -17.44 6.11 19.67
CA CYS A 141 -17.69 4.70 19.93
C CYS A 141 -19.19 4.43 19.95
N THR A 142 -19.53 3.19 19.66
CA THR A 142 -20.90 2.70 19.65
C THR A 142 -20.90 1.27 20.18
N VAL A 143 -21.84 1.01 21.10
CA VAL A 143 -21.98 -0.28 21.75
C VAL A 143 -23.35 -0.84 21.43
N TYR A 144 -23.38 -2.12 21.04
CA TYR A 144 -24.60 -2.83 20.68
C TYR A 144 -24.80 -3.99 21.65
N GLY A 145 -26.05 -4.33 21.90
CA GLY A 145 -26.40 -5.54 22.63
C GLY A 145 -27.21 -6.46 21.74
N LYS A 146 -26.78 -7.70 21.59
CA LYS A 146 -27.41 -8.59 20.63
C LYS A 146 -27.33 -10.04 21.10
N SER A 147 -28.35 -10.80 20.76
CA SER A 147 -28.40 -12.23 21.06
C SER A 147 -27.92 -12.97 19.81
N ILE A 148 -26.63 -13.30 19.77
CA ILE A 148 -26.03 -14.01 18.66
C ILE A 148 -26.10 -15.51 18.95
N ASP A 149 -27.00 -16.21 18.26
CA ASP A 149 -27.19 -17.65 18.40
C ASP A 149 -27.53 -18.01 19.84
N GLY A 150 -28.57 -17.37 20.37
CA GLY A 150 -29.01 -17.64 21.73
C GLY A 150 -28.02 -17.28 22.82
N GLN A 151 -27.05 -16.42 22.51
CA GLN A 151 -26.04 -16.01 23.47
C GLN A 151 -26.00 -14.48 23.53
N GLN A 152 -26.03 -13.94 24.74
CA GLN A 152 -25.99 -12.49 24.90
C GLN A 152 -24.60 -11.96 24.57
N THR A 153 -24.52 -11.03 23.63
CA THR A 153 -23.26 -10.49 23.15
C THR A 153 -23.28 -8.97 23.20
N ILE A 154 -22.26 -8.38 23.84
CA ILE A 154 -22.01 -6.95 23.77
C ILE A 154 -20.95 -6.69 22.71
N ILE A 155 -21.23 -5.77 21.78
CA ILE A 155 -20.31 -5.44 20.70
C ILE A 155 -19.91 -3.97 20.84
N ALA A 156 -18.67 -3.71 21.25
CA ALA A 156 -18.14 -2.35 21.37
C ALA A 156 -17.29 -2.00 20.16
N CYS A 157 -17.57 -0.85 19.54
CA CYS A 157 -16.88 -0.38 18.35
C CYS A 157 -16.30 1.00 18.62
N ILE A 158 -15.01 1.16 18.31
CA ILE A 158 -14.29 2.42 18.49
C ILE A 158 -13.71 2.86 17.15
N GLU A 159 -13.75 4.16 16.88
CA GLU A 159 -13.12 4.76 15.70
C GLU A 159 -12.46 6.09 16.05
N SER A 160 -11.35 6.37 15.35
CA SER A 160 -10.58 7.59 15.52
C SER A 160 -9.80 7.84 14.24
N HIS A 161 -9.96 9.02 13.64
CA HIS A 161 -9.20 9.30 12.44
C HIS A 161 -8.61 10.70 12.51
N GLN A 162 -7.59 10.90 11.69
CA GLN A 162 -7.00 12.22 11.50
C GLN A 162 -6.78 12.37 10.00
N PHE A 163 -7.56 13.23 9.36
CA PHE A 163 -7.43 13.48 7.92
C PHE A 163 -6.72 14.81 7.72
N GLN A 164 -5.52 14.76 7.16
CA GLN A 164 -4.72 15.98 6.95
C GLN A 164 -4.24 16.07 5.50
N PRO A 165 -5.18 16.24 4.56
CA PRO A 165 -4.77 16.28 3.14
C PRO A 165 -3.81 17.41 2.82
N LYS A 166 -3.91 18.55 3.50
CA LYS A 166 -2.97 19.63 3.22
C LYS A 166 -1.53 19.24 3.54
N ASN A 167 -1.35 18.21 4.36
CA ASN A 167 -0.03 17.66 4.64
C ASN A 167 0.17 16.28 4.01
N PHE A 168 -0.74 15.87 3.12
CA PHE A 168 -0.61 14.63 2.34
C PHE A 168 -0.56 13.39 3.23
N TRP A 169 -1.40 13.33 4.26
CA TRP A 169 -1.53 12.08 4.98
C TRP A 169 -2.90 11.96 5.64
N ASN A 170 -3.33 10.71 5.83
CA ASN A 170 -4.59 10.37 6.48
C ASN A 170 -4.38 9.09 7.30
N GLY A 171 -5.15 8.95 8.37
CA GLY A 171 -4.96 7.79 9.23
C GLY A 171 -6.20 7.48 9.99
N ARG A 172 -6.42 6.20 10.29
CA ARG A 172 -7.60 5.79 11.03
C ARG A 172 -7.30 4.56 11.89
N TRP A 173 -7.85 4.58 13.10
CA TRP A 173 -7.85 3.48 14.05
C TRP A 173 -9.27 2.96 14.15
N ARG A 174 -9.44 1.64 14.13
CA ARG A 174 -10.72 1.00 14.37
C ARG A 174 -10.50 -0.16 15.32
N SER A 175 -11.39 -0.32 16.29
CA SER A 175 -11.33 -1.52 17.10
C SER A 175 -12.76 -2.02 17.33
N GLU A 176 -12.88 -3.33 17.43
CA GLU A 176 -14.17 -4.00 17.51
C GLU A 176 -14.04 -5.11 18.53
N TRP A 177 -14.80 -5.00 19.61
CA TRP A 177 -14.71 -5.87 20.77
C TRP A 177 -16.02 -6.61 20.94
N LYS A 178 -15.93 -7.94 21.08
CA LYS A 178 -17.10 -8.81 21.20
C LYS A 178 -17.02 -9.55 22.53
N PHE A 179 -17.99 -9.30 23.42
CA PHE A 179 -18.07 -9.93 24.73
C PHE A 179 -19.25 -10.88 24.72
N THR A 180 -18.97 -12.17 24.72
CA THR A 180 -20.02 -13.19 24.79
C THR A 180 -20.28 -13.49 26.27
N ILE A 181 -21.50 -13.24 26.72
CA ILE A 181 -21.86 -13.32 28.14
C ILE A 181 -22.43 -14.71 28.43
N THR A 182 -21.63 -15.55 29.08
CA THR A 182 -22.08 -16.87 29.53
C THR A 182 -21.58 -17.08 30.95
N PRO A 183 -22.31 -16.55 31.92
CA PRO A 183 -21.82 -16.54 33.32
C PRO A 183 -21.42 -17.92 33.79
N PRO A 184 -20.42 -18.01 34.68
CA PRO A 184 -19.79 -16.85 35.31
C PRO A 184 -18.59 -16.29 34.54
N THR A 185 -18.47 -16.60 33.25
CA THR A 185 -17.37 -16.11 32.44
C THR A 185 -17.91 -15.30 31.25
N ALA A 186 -17.00 -14.63 30.57
CA ALA A 186 -17.31 -13.94 29.32
C ALA A 186 -16.14 -14.13 28.37
N GLN A 187 -16.43 -14.58 27.14
CA GLN A 187 -15.39 -14.78 26.16
C GLN A 187 -15.19 -13.50 25.36
N VAL A 188 -13.92 -13.09 25.22
CA VAL A 188 -13.55 -11.84 24.59
C VAL A 188 -12.86 -12.15 23.27
N ALA A 189 -13.39 -11.59 22.18
CA ALA A 189 -12.72 -11.63 20.88
C ALA A 189 -12.66 -10.22 20.31
N ALA A 190 -11.47 -9.78 19.89
CA ALA A 190 -11.35 -8.44 19.35
C ALA A 190 -10.41 -8.42 18.16
N VAL A 191 -10.63 -7.44 17.27
CA VAL A 191 -9.67 -7.10 16.24
C VAL A 191 -9.40 -5.60 16.30
N LEU A 192 -8.13 -5.24 16.26
CA LEU A 192 -7.70 -3.85 16.26
C LEU A 192 -7.10 -3.58 14.89
N LYS A 193 -7.42 -2.41 14.31
CA LYS A 193 -6.94 -2.12 12.96
C LYS A 193 -6.39 -0.70 12.88
N ILE A 194 -5.29 -0.54 12.14
CA ILE A 194 -4.73 0.77 11.83
C ILE A 194 -4.51 0.84 10.32
N GLN A 195 -4.79 2.00 9.74
CA GLN A 195 -4.42 2.27 8.36
C GLN A 195 -3.89 3.68 8.24
N VAL A 196 -2.75 3.85 7.60
CA VAL A 196 -2.14 5.17 7.44
C VAL A 196 -1.62 5.31 6.02
N HIS A 197 -1.90 6.45 5.38
CA HIS A 197 -1.41 6.76 4.03
C HIS A 197 -0.65 8.10 4.09
N TYR A 198 0.62 8.10 3.69
CA TYR A 198 1.40 9.32 3.63
C TYR A 198 1.98 9.43 2.23
N TYR A 199 1.70 10.54 1.54
CA TYR A 199 1.95 10.57 0.10
C TYR A 199 2.50 11.92 -0.35
N GLU A 200 3.30 12.56 0.52
CA GLU A 200 4.02 13.76 0.12
C GLU A 200 5.20 13.43 -0.79
N ASP A 201 6.29 12.90 -0.22
CA ASP A 201 7.49 12.65 -1.00
C ASP A 201 7.24 11.63 -2.10
N GLY A 202 6.88 10.41 -1.71
CA GLY A 202 6.41 9.44 -2.67
C GLY A 202 5.07 8.90 -2.25
N ASN A 203 5.07 7.69 -1.70
CA ASN A 203 3.83 7.03 -1.33
C ASN A 203 4.09 5.87 -0.40
N VAL A 204 3.49 5.90 0.79
CA VAL A 204 3.59 4.76 1.70
C VAL A 204 2.23 4.53 2.34
N GLN A 205 1.89 3.28 2.55
CA GLN A 205 0.72 2.94 3.35
C GLN A 205 1.13 1.95 4.42
N LEU A 206 0.59 2.15 5.61
CA LEU A 206 0.69 1.22 6.72
C LEU A 206 -0.67 0.56 6.87
N VAL A 207 -0.68 -0.77 6.92
CA VAL A 207 -1.88 -1.52 7.21
C VAL A 207 -1.53 -2.52 8.28
N SER A 208 -2.35 -2.59 9.33
CA SER A 208 -2.02 -3.45 10.46
C SER A 208 -3.28 -3.88 11.16
N HIS A 209 -3.23 -5.07 11.76
CA HIS A 209 -4.33 -5.52 12.61
C HIS A 209 -3.78 -6.45 13.66
N LYS A 210 -4.56 -6.63 14.73
CA LYS A 210 -4.20 -7.55 15.80
C LYS A 210 -5.48 -8.21 16.29
N ASP A 211 -5.42 -9.53 16.46
CA ASP A 211 -6.52 -10.29 17.01
C ASP A 211 -6.30 -10.49 18.51
N ILE A 212 -7.38 -10.35 19.28
CA ILE A 212 -7.37 -10.51 20.72
C ILE A 212 -8.36 -11.61 21.09
N GLN A 213 -7.93 -12.52 21.95
CA GLN A 213 -8.81 -13.49 22.59
C GLN A 213 -8.56 -13.45 24.09
N ASP A 214 -9.63 -13.38 24.88
CA ASP A 214 -9.46 -13.35 26.33
C ASP A 214 -10.72 -13.86 26.99
N SER A 215 -10.64 -13.97 28.32
CA SER A 215 -11.76 -14.37 29.17
C SER A 215 -11.81 -13.46 30.38
N VAL A 216 -13.01 -13.19 30.86
CA VAL A 216 -13.21 -12.37 32.04
C VAL A 216 -14.38 -12.94 32.84
N GLN A 217 -14.35 -12.72 34.15
CA GLN A 217 -15.45 -13.10 35.03
C GLN A 217 -16.51 -12.01 35.00
N VAL A 218 -17.77 -12.42 34.80
CA VAL A 218 -18.91 -11.52 34.74
C VAL A 218 -19.61 -11.50 36.09
N SER A 219 -19.97 -10.31 36.56
CA SER A 219 -20.71 -10.17 37.82
C SER A 219 -21.93 -9.28 37.61
N SER A 220 -21.87 -8.08 38.15
CA SER A 220 -22.90 -7.09 37.92
C SER A 220 -22.64 -6.35 36.61
N ASP A 221 -23.69 -5.74 36.08
CA ASP A 221 -23.55 -4.97 34.85
C ASP A 221 -22.48 -3.88 34.99
N VAL A 222 -22.47 -3.19 36.12
CA VAL A 222 -21.54 -2.07 36.29
C VAL A 222 -20.12 -2.55 36.52
N GLN A 223 -19.93 -3.59 37.34
CA GLN A 223 -18.56 -4.04 37.62
C GLN A 223 -17.95 -4.72 36.40
N THR A 224 -18.72 -5.57 35.72
CA THR A 224 -18.22 -6.21 34.51
C THR A 224 -17.90 -5.17 33.42
N ALA A 225 -18.65 -4.06 33.39
CA ALA A 225 -18.31 -2.98 32.47
C ALA A 225 -16.90 -2.46 32.73
N LYS A 226 -16.52 -2.34 34.00
CA LYS A 226 -15.19 -1.86 34.32
C LYS A 226 -14.12 -2.90 33.98
N GLU A 227 -14.46 -4.19 34.09
CA GLU A 227 -13.55 -5.23 33.66
C GLU A 227 -13.36 -5.21 32.15
N PHE A 228 -14.48 -5.07 31.43
CA PHE A 228 -14.45 -4.97 29.97
C PHE A 228 -13.55 -3.83 29.50
N ILE A 229 -13.76 -2.63 30.05
CA ILE A 229 -12.98 -1.48 29.59
C ILE A 229 -11.51 -1.62 29.97
N LYS A 230 -11.22 -2.21 31.13
CA LYS A 230 -9.82 -2.37 31.53
C LYS A 230 -9.07 -3.28 30.56
N ILE A 231 -9.76 -4.31 30.07
CA ILE A 231 -9.19 -5.21 29.08
C ILE A 231 -8.92 -4.48 27.77
N ILE A 232 -9.91 -3.73 27.28
CA ILE A 232 -9.73 -2.89 26.10
C ILE A 232 -8.52 -1.99 26.26
N GLU A 233 -8.46 -1.25 27.37
CA GLU A 233 -7.40 -0.28 27.56
C GLU A 233 -6.03 -0.93 27.58
N ASN A 234 -5.88 -2.05 28.31
CA ASN A 234 -4.59 -2.73 28.32
C ASN A 234 -4.21 -3.21 26.92
N ALA A 235 -5.14 -3.89 26.26
CA ALA A 235 -4.85 -4.44 24.94
C ALA A 235 -4.52 -3.35 23.93
N GLU A 236 -5.27 -2.24 23.95
CA GLU A 236 -5.02 -1.18 22.97
C GLU A 236 -3.74 -0.41 23.29
N ASN A 237 -3.45 -0.16 24.57
CA ASN A 237 -2.16 0.45 24.92
C ASN A 237 -1.01 -0.44 24.46
N GLU A 238 -1.13 -1.74 24.70
CA GLU A 238 -0.03 -2.65 24.39
C GLU A 238 0.19 -2.77 22.88
N TYR A 239 -0.90 -2.87 22.12
CA TYR A 239 -0.79 -2.91 20.66
C TYR A 239 -0.10 -1.68 20.12
N GLN A 240 -0.55 -0.49 20.55
CA GLN A 240 0.03 0.75 20.03
C GLN A 240 1.50 0.86 20.38
N THR A 241 1.87 0.50 21.61
CA THR A 241 3.27 0.53 22.01
C THR A 241 4.10 -0.46 21.19
N ALA A 242 3.57 -1.66 20.97
CA ALA A 242 4.31 -2.66 20.20
C ALA A 242 4.45 -2.21 18.74
N ILE A 243 3.42 -1.58 18.17
CA ILE A 243 3.57 -1.01 16.83
C ILE A 243 4.72 -0.01 16.82
N SER A 244 4.73 0.92 17.77
CA SER A 244 5.76 1.96 17.80
C SER A 244 7.16 1.34 17.95
N GLU A 245 7.26 0.29 18.75
CA GLU A 245 8.54 -0.39 18.95
C GLU A 245 8.90 -1.33 17.81
N ASN A 246 7.92 -1.92 17.14
CA ASN A 246 8.24 -2.79 16.01
C ASN A 246 8.80 -2.01 14.82
N TYR A 247 8.58 -0.69 14.77
CA TYR A 247 9.24 0.14 13.77
C TYR A 247 10.75 0.03 13.89
N GLN A 248 11.27 0.22 15.11
CA GLN A 248 12.69 0.02 15.39
C GLN A 248 13.17 -1.36 14.95
N THR A 249 12.40 -2.40 15.30
CA THR A 249 12.77 -3.77 15.01
C THR A 249 12.78 -4.06 13.51
N MET A 250 11.87 -3.45 12.77
CA MET A 250 11.82 -3.68 11.33
C MET A 250 13.06 -3.14 10.65
N SER A 251 13.54 -1.98 11.10
CA SER A 251 14.74 -1.38 10.52
C SER A 251 16.00 -2.20 10.78
N ASP A 252 16.02 -2.97 11.88
CA ASP A 252 17.20 -3.77 12.22
C ASP A 252 17.17 -5.14 11.59
N THR A 253 15.98 -5.70 11.36
CA THR A 253 15.85 -7.05 10.80
C THR A 253 15.33 -7.01 9.38
N THR A 254 14.03 -6.78 9.17
CA THR A 254 13.45 -6.95 7.85
C THR A 254 14.02 -5.96 6.84
N PHE A 255 14.18 -4.69 7.23
CA PHE A 255 14.65 -3.71 6.27
C PHE A 255 16.07 -4.04 5.80
N LYS A 256 16.97 -4.30 6.74
CA LYS A 256 18.30 -4.75 6.38
C LYS A 256 18.26 -6.08 5.63
N ALA A 257 17.17 -6.83 5.73
CA ALA A 257 17.03 -8.09 5.00
C ALA A 257 16.69 -7.88 3.52
N LEU A 258 16.24 -6.69 3.15
CA LEU A 258 16.00 -6.36 1.75
C LEU A 258 17.20 -5.69 1.10
N ARG A 259 17.69 -4.61 1.70
CA ARG A 259 18.94 -3.99 1.24
C ARG A 259 19.69 -3.43 2.43
N ARG A 260 20.99 -3.72 2.49
CA ARG A 260 21.89 -3.16 3.49
C ARG A 260 22.01 -1.65 3.34
N GLN A 261 22.40 -1.00 4.43
CA GLN A 261 22.72 0.42 4.36
C GLN A 261 24.06 0.63 3.66
N LEU A 262 25.04 -0.20 3.99
CA LEU A 262 26.33 -0.26 3.32
C LEU A 262 26.75 -1.71 3.25
N PRO A 263 27.70 -2.04 2.37
CA PRO A 263 28.28 -3.39 2.35
C PRO A 263 28.92 -3.71 3.69
N VAL A 264 29.22 -5.00 3.88
CA VAL A 264 29.83 -5.44 5.13
C VAL A 264 31.14 -4.72 5.40
N THR A 265 31.85 -4.29 4.35
CA THR A 265 33.09 -3.54 4.53
C THR A 265 32.88 -2.18 5.17
N ARG A 266 31.64 -1.73 5.28
CA ARG A 266 31.30 -0.41 5.84
CA ARG A 266 31.30 -0.42 5.83
C ARG A 266 31.96 0.71 5.05
N THR A 267 32.11 0.54 3.72
CA THR A 267 32.54 1.61 2.85
C THR A 267 31.75 1.49 1.55
N LYS A 268 31.57 2.61 0.86
CA LYS A 268 30.92 2.55 -0.44
C LYS A 268 31.78 1.73 -1.41
N ILE A 269 31.23 1.43 -2.58
CA ILE A 269 31.84 0.44 -3.47
C ILE A 269 33.05 1.04 -4.20
N ASP A 270 34.11 0.24 -4.34
CA ASP A 270 35.26 0.59 -5.18
C ASP A 270 34.99 0.05 -6.57
N TRP A 271 34.53 0.92 -7.45
CA TRP A 271 34.02 0.51 -8.75
C TRP A 271 35.12 0.13 -9.73
N ASN A 272 36.35 0.60 -9.50
CA ASN A 272 37.48 0.12 -10.30
C ASN A 272 37.87 -1.30 -9.91
N LYS A 273 37.82 -1.62 -8.62
CA LYS A 273 38.03 -3.00 -8.21
C LYS A 273 36.97 -3.93 -8.80
N ILE A 274 35.74 -3.42 -8.97
CA ILE A 274 34.68 -4.26 -9.52
C ILE A 274 34.97 -4.62 -10.97
N LEU A 275 35.37 -3.63 -11.77
CA LEU A 275 35.60 -3.81 -13.20
C LEU A 275 36.88 -4.56 -13.50
N SER A 276 37.75 -4.77 -12.51
CA SER A 276 39.00 -5.51 -12.69
C SER A 276 39.05 -6.79 -11.86
C SER B 2 -4.87 14.20 -21.98
N ASP B 3 -5.30 13.51 -20.93
CA ASP B 3 -6.62 12.89 -20.93
C ASP B 3 -7.12 12.81 -19.49
N GLN B 4 -8.39 13.18 -19.30
CA GLN B 4 -8.97 13.20 -17.97
C GLN B 4 -8.98 11.81 -17.36
N GLN B 5 -9.30 10.79 -18.17
CA GLN B 5 -9.37 9.42 -17.65
C GLN B 5 -7.99 8.91 -17.27
N LEU B 6 -6.96 9.28 -18.04
CA LEU B 6 -5.62 8.84 -17.69
C LEU B 6 -5.18 9.47 -16.37
N ASP B 7 -5.40 10.78 -16.22
CA ASP B 7 -5.13 11.45 -14.95
C ASP B 7 -5.85 10.76 -13.80
N CYS B 8 -7.09 10.36 -14.03
CA CYS B 8 -7.88 9.71 -12.98
C CYS B 8 -7.34 8.34 -12.66
N ALA B 9 -6.98 7.56 -13.69
CA ALA B 9 -6.39 6.24 -13.44
C ALA B 9 -5.06 6.36 -12.71
N LEU B 10 -4.23 7.34 -13.10
CA LEU B 10 -2.96 7.53 -12.40
C LEU B 10 -3.18 7.94 -10.94
N ASP B 11 -4.16 8.82 -10.69
CA ASP B 11 -4.46 9.19 -9.32
C ASP B 11 -4.98 7.99 -8.52
N LEU B 12 -5.82 7.15 -9.15
CA LEU B 12 -6.24 5.91 -8.50
C LEU B 12 -5.04 5.07 -8.11
N MET B 13 -4.09 4.89 -9.04
CA MET B 13 -2.95 4.05 -8.72
C MET B 13 -2.11 4.64 -7.57
N ARG B 14 -2.18 5.94 -7.33
CA ARG B 14 -1.44 6.49 -6.18
C ARG B 14 -2.18 6.29 -4.85
N ARG B 15 -3.47 6.01 -4.88
CA ARG B 15 -4.22 5.89 -3.64
C ARG B 15 -4.53 4.45 -3.26
N LEU B 16 -4.55 3.53 -4.22
CA LEU B 16 -4.85 2.16 -3.89
C LEU B 16 -3.67 1.51 -3.18
N PRO B 17 -3.92 0.47 -2.40
CA PRO B 17 -2.86 -0.20 -1.62
C PRO B 17 -1.71 -0.63 -2.50
N PRO B 18 -0.48 -0.26 -2.11
CA PRO B 18 0.66 -0.41 -3.03
C PRO B 18 1.05 -1.85 -3.34
N GLN B 19 0.71 -2.83 -2.51
CA GLN B 19 1.10 -4.20 -2.81
CA GLN B 19 1.10 -4.21 -2.79
C GLN B 19 0.19 -4.88 -3.83
N GLN B 20 -0.89 -4.21 -4.24
CA GLN B 20 -1.84 -4.77 -5.17
C GLN B 20 -1.71 -4.14 -6.55
N ILE B 21 -0.52 -3.61 -6.87
CA ILE B 21 -0.31 -2.89 -8.12
C ILE B 21 -0.73 -3.74 -9.31
N GLU B 22 -0.28 -5.01 -9.35
CA GLU B 22 -0.61 -5.84 -10.51
CA GLU B 22 -0.61 -5.87 -10.49
C GLU B 22 -2.11 -6.03 -10.64
N LYS B 23 -2.78 -6.37 -9.53
CA LYS B 23 -4.24 -6.50 -9.59
C LYS B 23 -4.90 -5.17 -9.92
N ASN B 24 -4.43 -4.08 -9.32
CA ASN B 24 -5.06 -2.79 -9.60
C ASN B 24 -4.82 -2.35 -11.04
N LEU B 25 -3.60 -2.56 -11.54
CA LEU B 25 -3.33 -2.26 -12.94
C LEU B 25 -4.17 -3.12 -13.87
N SER B 26 -4.30 -4.42 -13.56
CA SER B 26 -5.04 -5.28 -14.48
C SER B 26 -6.52 -4.94 -14.45
N ASP B 27 -7.07 -4.59 -13.28
CA ASP B 27 -8.47 -4.20 -13.19
C ASP B 27 -8.73 -2.87 -13.92
N LEU B 28 -7.80 -1.92 -13.81
CA LEU B 28 -7.95 -0.66 -14.53
C LEU B 28 -7.95 -0.86 -16.03
N ILE B 29 -7.04 -1.69 -16.52
CA ILE B 29 -7.01 -1.94 -17.96
C ILE B 29 -8.26 -2.68 -18.41
N ASP B 30 -8.77 -3.59 -17.59
CA ASP B 30 -10.07 -4.19 -17.88
C ASP B 30 -11.15 -3.12 -18.04
N LEU B 31 -11.10 -2.11 -17.17
CA LEU B 31 -12.18 -1.13 -17.08
C LEU B 31 -12.12 -0.11 -18.21
N VAL B 32 -10.93 0.34 -18.58
CA VAL B 32 -10.77 1.27 -19.71
C VAL B 32 -9.66 0.75 -20.61
N PRO B 33 -9.96 -0.20 -21.50
CA PRO B 33 -8.89 -0.84 -22.30
C PRO B 33 -8.08 0.14 -23.14
N SER B 34 -8.68 1.26 -23.57
CA SER B 34 -7.94 2.22 -24.38
C SER B 34 -6.83 2.90 -23.60
N LEU B 35 -6.85 2.84 -22.27
CA LEU B 35 -5.78 3.44 -21.49
C LEU B 35 -4.56 2.54 -21.36
N CYS B 36 -4.60 1.34 -21.92
CA CYS B 36 -3.64 0.29 -21.56
C CYS B 36 -2.21 0.74 -21.82
N GLU B 37 -1.94 1.24 -23.03
CA GLU B 37 -0.58 1.57 -23.41
C GLU B 37 -0.03 2.75 -22.60
N ASP B 38 -0.84 3.79 -22.43
CA ASP B 38 -0.43 4.98 -21.67
C ASP B 38 -0.23 4.66 -20.20
N LEU B 39 -1.10 3.82 -19.65
CA LEU B 39 -0.98 3.45 -18.25
C LEU B 39 0.25 2.59 -18.00
N LEU B 40 0.53 1.62 -18.89
CA LEU B 40 1.71 0.79 -18.71
C LEU B 40 3.01 1.56 -18.93
N SER B 41 2.97 2.65 -19.72
CA SER B 41 4.20 3.43 -19.83
C SER B 41 4.37 4.41 -18.68
N SER B 42 3.32 4.69 -17.92
CA SER B 42 3.40 5.65 -16.82
C SER B 42 3.52 5.00 -15.46
N VAL B 43 3.03 3.77 -15.28
CA VAL B 43 2.98 3.14 -13.96
C VAL B 43 4.03 2.04 -13.89
N ASP B 44 4.82 2.06 -12.81
CA ASP B 44 5.86 1.06 -12.61
C ASP B 44 5.25 -0.24 -12.10
N GLN B 45 5.64 -1.35 -12.70
CA GLN B 45 5.19 -2.69 -12.30
C GLN B 45 6.29 -3.40 -11.53
N PRO B 46 5.93 -4.13 -10.47
CA PRO B 46 6.93 -5.00 -9.82
C PRO B 46 7.57 -5.94 -10.83
N LEU B 47 8.85 -6.23 -10.58
CA LEU B 47 9.70 -6.97 -11.51
C LEU B 47 9.36 -8.46 -11.47
N LYS B 48 9.51 -9.12 -12.61
CA LYS B 48 9.28 -10.55 -12.72
C LYS B 48 10.58 -11.25 -13.11
N ILE B 49 10.78 -12.43 -12.54
CA ILE B 49 11.98 -13.24 -12.77
C ILE B 49 11.67 -14.28 -13.83
N ALA B 50 12.57 -14.44 -14.78
CA ALA B 50 12.56 -15.55 -15.72
C ALA B 50 13.89 -16.31 -15.65
N ARG B 51 13.91 -17.50 -16.25
CA ARG B 51 15.10 -18.35 -16.23
C ARG B 51 15.70 -18.44 -17.63
N ASP B 52 16.98 -18.10 -17.75
CA ASP B 52 17.77 -18.36 -18.95
C ASP B 52 18.27 -19.79 -18.79
N LYS B 53 17.62 -20.73 -19.47
CA LYS B 53 17.97 -22.14 -19.31
C LYS B 53 19.24 -22.54 -20.04
N VAL B 54 19.71 -21.73 -21.00
CA VAL B 54 20.96 -22.04 -21.67
C VAL B 54 22.14 -21.78 -20.74
N VAL B 55 22.20 -20.58 -20.18
CA VAL B 55 23.28 -20.21 -19.27
C VAL B 55 23.03 -20.73 -17.86
N GLY B 56 21.76 -20.93 -17.48
CA GLY B 56 21.42 -21.26 -16.12
C GLY B 56 21.57 -20.08 -15.17
N LYS B 57 20.88 -18.98 -15.47
CA LYS B 57 20.90 -17.75 -14.66
C LYS B 57 19.53 -17.11 -14.72
N ASP B 58 19.11 -16.49 -13.61
CA ASP B 58 17.86 -15.72 -13.60
C ASP B 58 18.09 -14.34 -14.21
N TYR B 59 17.03 -13.81 -14.83
CA TYR B 59 17.05 -12.43 -15.30
C TYR B 59 15.66 -11.81 -15.09
N LEU B 60 15.62 -10.49 -15.19
CA LEU B 60 14.42 -9.71 -14.90
C LEU B 60 13.74 -9.25 -16.19
N LEU B 61 12.42 -9.24 -16.17
CA LEU B 61 11.62 -8.90 -17.34
C LEU B 61 11.08 -7.48 -17.21
N CYS B 62 11.10 -6.74 -18.31
CA CYS B 62 10.52 -5.40 -18.35
C CYS B 62 10.24 -5.09 -19.82
N ASP B 63 9.65 -3.92 -20.08
CA ASP B 63 9.37 -3.60 -21.47
C ASP B 63 10.66 -3.36 -22.26
N TYR B 64 11.75 -2.93 -21.60
CA TYR B 64 12.95 -2.57 -22.36
C TYR B 64 13.65 -3.78 -22.97
N ASN B 65 13.48 -4.97 -22.41
CA ASN B 65 14.07 -6.15 -23.04
C ASN B 65 13.03 -7.01 -23.75
N ARG B 66 11.86 -6.45 -24.06
CA ARG B 66 10.80 -7.16 -24.77
C ARG B 66 10.86 -6.84 -26.26
N ASP B 67 10.70 -7.86 -27.08
CA ASP B 67 10.40 -7.69 -28.50
C ASP B 67 9.24 -8.60 -28.83
N GLY B 68 8.11 -8.00 -29.21
CA GLY B 68 6.91 -8.80 -29.39
C GLY B 68 6.52 -9.46 -28.09
N ASP B 69 6.41 -10.81 -28.13
CA ASP B 69 6.08 -11.61 -26.96
C ASP B 69 7.30 -12.24 -26.31
N SER B 70 8.49 -11.98 -26.81
CA SER B 70 9.71 -12.59 -26.30
C SER B 70 10.49 -11.59 -25.47
N TYR B 71 11.37 -12.11 -24.61
CA TYR B 71 12.24 -11.30 -23.77
C TYR B 71 13.67 -11.73 -23.97
N ARG B 72 14.59 -10.75 -23.99
CA ARG B 72 16.00 -11.01 -24.24
C ARG B 72 16.74 -11.19 -22.92
N SER B 73 17.55 -12.29 -22.83
CA SER B 73 18.38 -12.49 -21.65
C SER B 73 19.64 -11.63 -21.74
N PRO B 74 20.03 -10.96 -20.65
CA PRO B 74 21.31 -10.24 -20.65
C PRO B 74 22.51 -11.16 -20.61
N TRP B 75 22.30 -12.45 -20.32
CA TRP B 75 23.40 -13.39 -20.19
C TRP B 75 23.74 -14.04 -21.54
N SER B 76 22.73 -14.59 -22.21
CA SER B 76 22.92 -15.26 -23.49
C SER B 76 22.73 -14.33 -24.67
N ASN B 77 22.14 -13.14 -24.46
CA ASN B 77 21.82 -12.22 -25.55
C ASN B 77 20.88 -12.85 -26.56
N LYS B 78 19.98 -13.72 -26.09
CA LYS B 78 19.02 -14.42 -26.93
C LYS B 78 17.60 -14.21 -26.39
N TYR B 79 16.64 -14.25 -27.30
CA TYR B 79 15.24 -14.08 -26.93
C TYR B 79 14.59 -15.42 -26.56
N ASP B 80 13.65 -15.35 -25.64
CA ASP B 80 12.84 -16.50 -25.25
C ASP B 80 11.38 -16.06 -25.28
N PRO B 81 10.53 -16.65 -26.15
CA PRO B 81 10.88 -17.68 -27.13
C PRO B 81 11.79 -17.12 -28.21
N PRO B 82 12.48 -17.99 -28.94
CA PRO B 82 13.45 -17.50 -29.92
C PRO B 82 12.79 -16.59 -30.95
N LEU B 83 13.59 -15.64 -31.45
CA LEU B 83 13.21 -14.73 -32.53
C LEU B 83 14.29 -14.75 -33.60
N GLU B 84 13.88 -14.55 -34.85
CA GLU B 84 14.85 -14.55 -35.94
C GLU B 84 15.63 -13.25 -35.97
N ASP B 85 14.96 -12.10 -35.78
CA ASP B 85 15.60 -10.80 -35.85
C ASP B 85 15.11 -9.90 -34.72
N GLY B 86 15.25 -10.38 -33.46
CA GLY B 86 14.89 -9.56 -32.32
C GLY B 86 15.76 -8.32 -32.22
N ALA B 87 15.24 -7.31 -31.54
CA ALA B 87 16.01 -6.09 -31.32
C ALA B 87 17.22 -6.38 -30.42
N MET B 88 18.40 -5.96 -30.87
CA MET B 88 19.66 -6.25 -30.22
C MET B 88 20.46 -4.96 -30.05
N PRO B 89 21.23 -4.84 -28.98
CA PRO B 89 22.20 -3.75 -28.92
C PRO B 89 23.28 -3.91 -29.98
N SER B 90 23.84 -2.79 -30.41
CA SER B 90 24.98 -2.84 -31.31
C SER B 90 26.10 -3.66 -30.67
N ALA B 91 27.05 -4.12 -31.49
CA ALA B 91 28.16 -4.91 -30.97
C ALA B 91 28.93 -4.16 -29.89
N ARG B 92 29.21 -2.88 -30.13
CA ARG B 92 29.94 -2.08 -29.16
C ARG B 92 29.17 -2.00 -27.83
N LEU B 93 27.87 -1.76 -27.92
CA LEU B 93 27.07 -1.59 -26.71
C LEU B 93 26.81 -2.92 -26.01
N ARG B 94 26.78 -4.03 -26.75
CA ARG B 94 26.65 -5.34 -26.11
C ARG B 94 27.87 -5.63 -25.23
N LYS B 95 29.05 -5.22 -25.69
CA LYS B 95 30.25 -5.35 -24.88
C LYS B 95 30.09 -4.60 -23.55
N LEU B 96 29.62 -3.35 -23.61
CA LEU B 96 29.37 -2.58 -22.39
C LEU B 96 28.31 -3.24 -21.52
N GLU B 97 27.29 -3.82 -22.17
CA GLU B 97 26.17 -4.42 -21.46
C GLU B 97 26.62 -5.64 -20.67
N VAL B 98 27.46 -6.48 -21.27
CA VAL B 98 28.08 -7.59 -20.53
C VAL B 98 28.84 -7.06 -19.32
N GLU B 99 29.68 -6.05 -19.52
CA GLU B 99 30.47 -5.53 -18.40
C GLU B 99 29.55 -4.93 -17.33
N ALA B 100 28.47 -4.27 -17.76
CA ALA B 100 27.53 -3.69 -16.78
C ALA B 100 26.78 -4.78 -16.02
N ASN B 101 26.39 -5.86 -16.70
CA ASN B 101 25.72 -6.94 -15.99
C ASN B 101 26.65 -7.58 -14.96
N ASN B 102 27.93 -7.69 -15.28
CA ASN B 102 28.86 -8.29 -14.33
C ASN B 102 29.08 -7.37 -13.14
N ALA B 103 29.22 -6.07 -13.41
CA ALA B 103 29.48 -5.12 -12.33
C ALA B 103 28.29 -5.03 -11.39
N PHE B 104 27.07 -4.97 -11.94
CA PHE B 104 25.90 -4.82 -11.09
C PHE B 104 25.50 -6.11 -10.40
N ASP B 105 25.87 -7.26 -10.96
CA ASP B 105 25.81 -8.51 -10.20
C ASP B 105 26.57 -8.40 -8.89
N GLN B 106 27.76 -7.80 -8.93
CA GLN B 106 28.59 -7.65 -7.74
C GLN B 106 28.03 -6.57 -6.82
N TYR B 107 27.70 -5.40 -7.38
CA TYR B 107 26.95 -4.40 -6.63
C TYR B 107 25.78 -5.01 -5.87
N ARG B 108 25.00 -5.85 -6.55
CA ARG B 108 23.84 -6.47 -5.93
C ARG B 108 24.24 -7.40 -4.79
N ASP B 109 25.28 -8.21 -5.02
CA ASP B 109 25.72 -9.12 -3.96
CA ASP B 109 25.74 -9.12 -3.97
C ASP B 109 26.19 -8.36 -2.73
N LEU B 110 26.91 -7.26 -2.92
CA LEU B 110 27.47 -6.52 -1.78
C LEU B 110 26.41 -5.74 -1.01
N TYR B 111 25.42 -5.17 -1.69
CA TYR B 111 24.38 -4.38 -1.00
C TYR B 111 23.13 -5.19 -0.66
N PHE B 112 22.81 -6.23 -1.42
CA PHE B 112 21.58 -7.00 -1.19
C PHE B 112 21.82 -8.41 -0.71
N GLU B 113 23.02 -8.95 -0.89
CA GLU B 113 23.39 -10.29 -0.44
C GLU B 113 22.38 -11.33 -0.89
N GLY B 114 21.99 -11.26 -2.17
CA GLY B 114 20.93 -12.09 -2.69
C GLY B 114 20.20 -11.36 -3.80
N GLY B 115 19.04 -11.88 -4.17
CA GLY B 115 18.26 -11.24 -5.22
C GLY B 115 18.85 -11.47 -6.60
N VAL B 116 18.33 -10.71 -7.56
CA VAL B 116 18.61 -10.87 -8.98
C VAL B 116 18.74 -9.48 -9.59
N SER B 117 19.68 -9.32 -10.51
CA SER B 117 19.84 -8.06 -11.24
C SER B 117 19.89 -8.33 -12.74
N SER B 118 19.52 -7.31 -13.52
CA SER B 118 19.70 -7.35 -14.97
C SER B 118 19.94 -5.93 -15.48
N VAL B 119 20.77 -5.82 -16.53
CA VAL B 119 21.04 -4.55 -17.19
C VAL B 119 20.78 -4.71 -18.68
N TYR B 120 20.01 -3.79 -19.28
CA TYR B 120 19.83 -3.75 -20.73
C TYR B 120 20.16 -2.36 -21.22
N LEU B 121 20.99 -2.29 -22.27
CA LEU B 121 21.41 -1.02 -22.87
C LEU B 121 20.87 -0.97 -24.29
N TRP B 122 20.62 0.24 -24.77
CA TRP B 122 20.19 0.46 -26.15
C TRP B 122 20.79 1.74 -26.70
N ASP B 123 21.12 1.73 -28.00
CA ASP B 123 21.79 2.84 -28.64
C ASP B 123 20.85 4.04 -28.79
N LEU B 124 21.41 5.23 -28.63
CA LEU B 124 20.75 6.50 -28.91
C LEU B 124 21.56 7.26 -29.97
N ASP B 125 21.05 8.40 -30.39
CA ASP B 125 21.69 9.14 -31.49
C ASP B 125 23.09 9.62 -31.11
N HIS B 126 23.23 10.22 -29.93
CA HIS B 126 24.50 10.78 -29.49
C HIS B 126 24.93 10.22 -28.15
N GLY B 127 24.65 8.94 -27.94
CA GLY B 127 25.00 8.28 -26.71
C GLY B 127 24.24 6.97 -26.58
N PHE B 128 23.69 6.70 -25.40
CA PHE B 128 23.00 5.45 -25.18
C PHE B 128 22.20 5.57 -23.90
N ALA B 129 21.32 4.60 -23.68
CA ALA B 129 20.53 4.56 -22.47
C ALA B 129 20.49 3.13 -21.97
N GLY B 130 19.96 2.95 -20.75
CA GLY B 130 19.96 1.63 -20.17
C GLY B 130 19.00 1.56 -19.01
N VAL B 131 18.67 0.35 -18.62
CA VAL B 131 17.91 0.11 -17.39
C VAL B 131 18.70 -0.85 -16.53
N ILE B 132 18.73 -0.57 -15.23
CA ILE B 132 19.34 -1.42 -14.23
C ILE B 132 18.21 -1.84 -13.30
N LEU B 133 18.01 -3.15 -13.20
CA LEU B 133 16.87 -3.72 -12.46
C LEU B 133 17.43 -4.58 -11.35
N ILE B 134 16.89 -4.42 -10.14
CA ILE B 134 17.29 -5.27 -9.03
C ILE B 134 16.05 -5.70 -8.29
N LYS B 135 15.96 -7.00 -7.99
CA LYS B 135 14.85 -7.55 -7.21
C LYS B 135 15.41 -8.40 -6.08
N LYS B 136 15.00 -8.10 -4.86
CA LYS B 136 15.41 -8.89 -3.68
C LYS B 136 14.17 -9.14 -2.83
N ALA B 137 13.76 -10.40 -2.75
CA ALA B 137 12.71 -10.82 -1.83
C ALA B 137 13.30 -11.16 -0.47
N GLY B 138 12.46 -11.11 0.56
CA GLY B 138 12.93 -11.29 1.92
C GLY B 138 13.36 -12.71 2.22
N ILE B 144 10.58 -12.61 8.08
CA ILE B 144 11.13 -11.77 7.03
C ILE B 144 10.33 -11.94 5.74
N LYS B 145 9.24 -11.18 5.61
CA LYS B 145 8.45 -11.12 4.39
C LYS B 145 8.60 -9.75 3.78
N GLY B 146 8.89 -9.69 2.48
CA GLY B 146 8.92 -8.40 1.82
C GLY B 146 9.61 -8.51 0.48
N CYS B 147 9.69 -7.38 -0.21
CA CYS B 147 10.35 -7.39 -1.49
C CYS B 147 10.75 -5.97 -1.84
N TRP B 148 11.94 -5.85 -2.44
CA TRP B 148 12.48 -4.59 -2.96
C TRP B 148 12.63 -4.76 -4.46
N ASP B 149 12.06 -3.83 -5.22
CA ASP B 149 12.27 -3.74 -6.67
C ASP B 149 12.85 -2.37 -6.96
N SER B 150 13.98 -2.32 -7.65
CA SER B 150 14.49 -1.03 -8.10
C SER B 150 14.57 -1.01 -9.62
N ILE B 151 14.19 0.12 -10.20
CA ILE B 151 14.26 0.31 -11.64
C ILE B 151 15.00 1.61 -11.88
N HIS B 152 16.14 1.54 -12.54
CA HIS B 152 16.96 2.70 -12.80
C HIS B 152 17.07 2.85 -14.30
N VAL B 153 16.60 3.98 -14.83
CA VAL B 153 16.73 4.31 -16.24
C VAL B 153 17.77 5.42 -16.40
N VAL B 154 18.83 5.13 -17.14
CA VAL B 154 19.94 6.07 -17.27
C VAL B 154 20.05 6.49 -18.72
N GLU B 155 20.27 7.78 -18.95
CA GLU B 155 20.51 8.31 -20.30
C GLU B 155 21.89 8.93 -20.32
N VAL B 156 22.67 8.59 -21.34
CA VAL B 156 24.06 9.04 -21.45
C VAL B 156 24.23 9.80 -22.75
N GLN B 157 24.61 11.07 -22.65
CA GLN B 157 24.99 11.88 -23.81
C GLN B 157 26.49 12.09 -23.81
N GLU B 158 27.16 11.60 -24.84
CA GLU B 158 28.62 11.70 -24.93
C GLU B 158 28.99 12.96 -25.71
N LYS B 159 29.82 13.80 -25.08
CA LYS B 159 30.23 15.07 -25.68
C LYS B 159 31.56 14.93 -26.42
N ARG B 163 36.36 11.78 -23.08
CA ARG B 163 36.07 13.19 -22.81
C ARG B 163 35.19 13.31 -21.57
N THR B 164 34.06 13.99 -21.69
CA THR B 164 33.12 14.13 -20.59
C THR B 164 31.72 13.84 -21.12
N ALA B 165 30.93 13.12 -20.32
CA ALA B 165 29.55 12.77 -20.69
C ALA B 165 28.56 13.33 -19.68
N HIS B 166 27.31 13.50 -20.14
CA HIS B 166 26.21 13.91 -19.28
C HIS B 166 25.33 12.70 -18.99
N TYR B 167 25.07 12.47 -17.70
CA TYR B 167 24.27 11.33 -17.25
C TYR B 167 22.99 11.84 -16.61
N LYS B 168 21.88 11.20 -16.99
CA LYS B 168 20.57 11.51 -16.42
C LYS B 168 19.96 10.22 -15.90
N LEU B 169 19.60 10.21 -14.62
CA LEU B 169 19.12 9.00 -13.97
C LEU B 169 17.72 9.23 -13.39
N THR B 170 16.78 8.36 -13.77
CA THR B 170 15.45 8.35 -13.20
C THR B 170 15.28 7.01 -12.52
N SER B 171 14.89 7.02 -11.24
CA SER B 171 14.93 5.80 -10.43
C SER B 171 13.65 5.65 -9.66
N THR B 172 13.11 4.43 -9.62
CA THR B 172 11.96 4.08 -8.79
C THR B 172 12.32 2.87 -7.93
N VAL B 173 12.07 2.97 -6.64
CA VAL B 173 12.18 1.83 -5.73
C VAL B 173 10.78 1.51 -5.22
N MET B 174 10.39 0.25 -5.31
CA MET B 174 9.14 -0.26 -4.74
C MET B 174 9.49 -1.23 -3.62
N LEU B 175 8.91 -1.03 -2.44
CA LEU B 175 9.33 -1.76 -1.26
C LEU B 175 8.10 -2.12 -0.44
N TRP B 176 8.02 -3.36 0.01
CA TRP B 176 7.01 -3.72 1.00
C TRP B 176 7.64 -4.65 2.01
N LEU B 177 7.13 -4.62 3.24
CA LEU B 177 7.64 -5.46 4.31
C LEU B 177 6.46 -5.80 5.20
N GLN B 178 6.47 -7.01 5.75
CA GLN B 178 5.40 -7.42 6.65
C GLN B 178 5.99 -8.21 7.79
N THR B 179 5.56 -7.91 9.01
CA THR B 179 5.90 -8.73 10.18
C THR B 179 4.62 -9.25 10.82
N ASN B 180 4.74 -10.39 11.49
CA ASN B 180 3.64 -10.96 12.27
C ASN B 180 4.22 -11.32 13.63
N LYS B 181 3.79 -10.60 14.66
CA LYS B 181 4.41 -10.68 15.98
C LYS B 181 3.32 -10.69 17.06
N THR B 182 3.69 -11.22 18.23
CA THR B 182 2.74 -11.33 19.34
C THR B 182 2.21 -9.95 19.73
N GLY B 183 3.10 -8.98 19.88
CA GLY B 183 2.72 -7.67 20.39
C GLY B 183 2.05 -6.78 19.37
N SER B 184 2.66 -6.66 18.20
CA SER B 184 2.15 -5.73 17.19
C SER B 184 1.24 -6.38 16.16
N GLY B 185 0.91 -7.65 16.30
CA GLY B 185 0.04 -8.29 15.32
C GLY B 185 0.73 -8.38 13.98
N THR B 186 -0.01 -8.07 12.92
CA THR B 186 0.51 -8.04 11.57
C THR B 186 0.75 -6.59 11.17
N MET B 187 1.97 -6.27 10.73
CA MET B 187 2.30 -4.91 10.28
C MET B 187 2.79 -5.01 8.85
N ASN B 188 2.15 -4.29 7.94
CA ASN B 188 2.55 -4.24 6.54
C ASN B 188 2.82 -2.80 6.15
N LEU B 189 4.02 -2.55 5.61
CA LEU B 189 4.38 -1.25 5.06
C LEU B 189 4.72 -1.44 3.59
N GLY B 190 4.07 -0.68 2.72
CA GLY B 190 4.29 -0.80 1.28
C GLY B 190 4.26 0.57 0.64
N GLY B 191 5.02 0.72 -0.44
CA GLY B 191 4.96 1.96 -1.21
C GLY B 191 6.16 2.09 -2.13
N SER B 192 6.43 3.33 -2.54
CA SER B 192 7.43 3.58 -3.56
C SER B 192 7.95 5.01 -3.51
N LEU B 193 9.09 5.21 -4.17
CA LEU B 193 9.68 6.54 -4.28
C LEU B 193 10.33 6.63 -5.65
N THR B 194 10.12 7.74 -6.35
CA THR B 194 10.80 8.01 -7.62
C THR B 194 11.61 9.28 -7.45
N ARG B 195 12.86 9.26 -7.95
CA ARG B 195 13.78 10.38 -7.85
C ARG B 195 14.57 10.48 -9.15
N GLN B 196 15.18 11.64 -9.36
CA GLN B 196 15.93 11.93 -10.58
C GLN B 196 17.18 12.71 -10.22
N MET B 197 18.28 12.38 -10.88
CA MET B 197 19.55 13.06 -10.67
C MET B 197 20.21 13.26 -12.02
N GLU B 198 21.04 14.28 -12.10
CA GLU B 198 21.81 14.58 -13.29
C GLU B 198 23.23 14.94 -12.88
N LYS B 199 24.18 14.73 -13.79
CA LYS B 199 25.56 15.07 -13.51
C LYS B 199 26.36 14.97 -14.80
N ASP B 200 27.44 15.74 -14.86
CA ASP B 200 28.47 15.57 -15.87
C ASP B 200 29.64 14.85 -15.22
N GLU B 201 30.24 13.92 -15.96
CA GLU B 201 31.39 13.19 -15.45
C GLU B 201 32.43 13.00 -16.55
N THR B 202 33.68 12.93 -16.13
CA THR B 202 34.76 12.60 -17.04
C THR B 202 34.72 11.11 -17.38
N VAL B 203 34.87 10.80 -18.66
CA VAL B 203 34.95 9.42 -19.13
C VAL B 203 36.38 9.17 -19.57
N SER B 204 37.03 8.19 -18.94
CA SER B 204 38.39 7.81 -19.26
C SER B 204 38.53 6.32 -19.04
N ASP B 205 39.69 5.75 -19.41
CA ASP B 205 39.98 4.37 -19.07
C ASP B 205 39.89 4.13 -17.57
N SER B 206 40.19 5.15 -16.76
CA SER B 206 40.15 5.01 -15.31
C SER B 206 38.80 5.39 -14.70
N SER B 207 37.96 6.12 -15.43
CA SER B 207 36.61 6.45 -14.98
C SER B 207 35.62 6.12 -16.10
N PRO B 208 35.49 4.84 -16.47
CA PRO B 208 34.63 4.47 -17.59
C PRO B 208 33.15 4.65 -17.28
N HIS B 209 32.33 4.60 -18.35
CA HIS B 209 30.88 4.81 -18.22
C HIS B 209 30.28 3.94 -17.11
N ILE B 210 30.65 2.66 -17.07
CA ILE B 210 30.02 1.75 -16.11
C ILE B 210 30.35 2.18 -14.69
N ALA B 211 31.55 2.68 -14.46
CA ALA B 211 31.88 3.20 -13.14
C ALA B 211 31.08 4.46 -12.83
N ASN B 212 30.98 5.38 -13.80
CA ASN B 212 30.18 6.58 -13.58
C ASN B 212 28.72 6.21 -13.32
N ILE B 213 28.21 5.21 -14.02
CA ILE B 213 26.81 4.81 -13.86
C ILE B 213 26.60 4.10 -12.53
N GLY B 214 27.51 3.18 -12.18
CA GLY B 214 27.40 2.50 -10.90
C GLY B 214 27.37 3.46 -9.72
N ARG B 215 28.30 4.43 -9.72
CA ARG B 215 28.33 5.44 -8.66
C ARG B 215 27.01 6.20 -8.58
N LEU B 216 26.45 6.56 -9.74
CA LEU B 216 25.20 7.30 -9.75
C LEU B 216 24.05 6.44 -9.22
N VAL B 217 24.01 5.16 -9.62
CA VAL B 217 23.00 4.24 -9.10
C VAL B 217 23.22 3.98 -7.62
N GLU B 218 24.47 3.77 -7.22
CA GLU B 218 24.77 3.55 -5.81
C GLU B 218 24.25 4.72 -4.98
N ASP B 219 24.66 5.95 -5.31
CA ASP B 219 24.21 7.14 -4.60
C ASP B 219 22.69 7.21 -4.53
N MET B 220 22.04 6.92 -5.65
CA MET B 220 20.59 7.06 -5.69
C MET B 220 19.93 6.08 -4.74
N GLU B 221 20.37 4.81 -4.75
CA GLU B 221 19.74 3.80 -3.89
C GLU B 221 19.98 4.11 -2.41
N ASN B 222 21.19 4.52 -2.04
CA ASN B 222 21.46 4.90 -0.65
C ASN B 222 20.60 6.08 -0.23
N LYS B 223 20.54 7.11 -1.06
CA LYS B 223 19.65 8.23 -0.76
C LYS B 223 18.19 7.77 -0.65
N ILE B 224 17.73 6.92 -1.57
CA ILE B 224 16.32 6.50 -1.54
C ILE B 224 16.05 5.64 -0.33
N ARG B 225 16.96 4.72 0.00
CA ARG B 225 16.79 3.90 1.19
C ARG B 225 16.65 4.76 2.45
N SER B 226 17.54 5.73 2.60
CA SER B 226 17.52 6.63 3.76
C SER B 226 16.21 7.41 3.82
N THR B 227 15.75 7.92 2.69
CA THR B 227 14.48 8.65 2.67
C THR B 227 13.32 7.74 3.01
N LEU B 228 13.28 6.53 2.43
CA LEU B 228 12.23 5.59 2.77
C LEU B 228 12.25 5.26 4.26
N ASN B 229 13.44 5.09 4.84
CA ASN B 229 13.55 4.74 6.25
C ASN B 229 12.82 5.76 7.13
N GLU B 230 12.97 7.05 6.84
CA GLU B 230 12.23 8.04 7.62
C GLU B 230 10.74 8.08 7.25
N ILE B 231 10.40 7.88 5.97
CA ILE B 231 9.00 7.94 5.55
C ILE B 231 8.23 6.75 6.10
N TYR B 232 8.82 5.56 6.01
CA TYR B 232 8.22 4.33 6.53
C TYR B 232 8.29 4.30 8.05
N PHE B 233 9.51 4.25 8.59
CA PHE B 233 9.72 4.03 10.01
C PHE B 233 9.67 5.31 10.83
N GLY B 234 9.41 6.45 10.19
CA GLY B 234 9.30 7.73 10.88
C GLY B 234 7.95 8.41 10.72
N LYS B 235 7.59 8.80 9.50
CA LYS B 235 6.36 9.57 9.33
C LYS B 235 5.12 8.75 9.69
N THR B 236 4.99 7.53 9.17
CA THR B 236 3.80 6.75 9.50
C THR B 236 3.78 6.39 10.98
N LYS B 237 4.95 6.17 11.58
CA LYS B 237 5.03 5.96 13.02
C LYS B 237 4.44 7.14 13.79
N ASP B 238 4.89 8.35 13.47
CA ASP B 238 4.37 9.53 14.17
C ASP B 238 2.86 9.67 13.99
N ILE B 239 2.35 9.34 12.80
CA ILE B 239 0.91 9.41 12.54
C ILE B 239 0.16 8.42 13.41
N VAL B 240 0.68 7.20 13.56
CA VAL B 240 0.01 6.22 14.40
C VAL B 240 -0.09 6.75 15.83
N ASN B 241 1.00 7.31 16.33
CA ASN B 241 1.06 7.79 17.71
C ASN B 241 0.19 9.01 17.97
N GLY B 242 -0.39 9.61 16.94
CA GLY B 242 -1.32 10.70 17.11
C GLY B 242 -2.75 10.30 16.83
N LEU B 243 -2.95 9.06 16.37
CA LEU B 243 -4.30 8.54 16.25
C LEU B 243 -4.89 8.19 17.60
N ARG B 244 -4.04 8.00 18.59
CA ARG B 244 -4.50 7.55 19.89
C ARG B 244 -3.52 7.99 20.98
N LYS C 11 12.38 10.76 -19.12
CA LYS C 11 12.93 9.46 -19.51
C LYS C 11 13.32 9.40 -20.98
N PRO C 12 14.46 8.77 -21.27
CA PRO C 12 14.81 8.53 -22.68
C PRO C 12 13.89 7.49 -23.30
N LYS C 13 13.83 7.53 -24.62
CA LYS C 13 13.06 6.54 -25.35
C LYS C 13 13.64 5.15 -25.12
N GLY C 14 12.79 4.13 -25.25
CA GLY C 14 13.22 2.78 -25.16
C GLY C 14 13.99 2.35 -26.40
N PRO C 15 14.33 1.07 -26.47
CA PRO C 15 15.04 0.58 -27.65
C PRO C 15 14.23 0.81 -28.92
N ALA C 16 14.93 1.12 -30.00
CA ALA C 16 14.29 1.32 -31.29
C ALA C 16 13.87 -0.02 -31.89
N GLY C 17 13.01 0.04 -32.90
CA GLY C 17 12.57 -1.12 -33.64
C GLY C 17 11.65 -2.06 -32.90
N LYS C 18 11.56 -1.94 -31.57
CA LYS C 18 10.81 -2.90 -30.76
C LYS C 18 9.35 -2.91 -31.18
N ARG C 19 8.87 -4.09 -31.52
CA ARG C 19 7.51 -4.24 -31.97
C ARG C 19 6.63 -4.71 -30.81
N GLY C 20 5.34 -4.58 -31.02
CA GLY C 20 4.43 -5.07 -30.01
C GLY C 20 4.06 -3.99 -29.02
N ILE C 21 2.81 -4.08 -28.57
CA ILE C 21 2.31 -3.15 -27.58
C ILE C 21 2.82 -3.56 -26.20
N ARG C 22 2.77 -2.61 -25.27
CA ARG C 22 3.05 -2.96 -23.89
C ARG C 22 1.99 -3.93 -23.38
N ARG C 23 2.38 -4.79 -22.44
CA ARG C 23 1.42 -5.71 -21.84
C ARG C 23 1.86 -6.05 -20.43
N LEU C 24 0.90 -6.47 -19.61
CA LEU C 24 1.17 -7.02 -18.29
C LEU C 24 1.82 -8.40 -18.42
N ILE C 25 2.72 -8.70 -17.49
CA ILE C 25 3.38 -10.02 -17.49
C ILE C 25 2.40 -11.13 -17.08
#